data_3AQ5
#
_entry.id   3AQ5
#
_cell.length_a   69.355
_cell.length_b   69.355
_cell.length_c   353.761
_cell.angle_alpha   90.00
_cell.angle_beta   90.00
_cell.angle_gamma   120.00
#
_symmetry.space_group_name_H-M   'P 65 2 2'
#
loop_
_entity.id
_entity.type
_entity.pdbx_description
1 polymer 'Group 1 truncated hemoglobin'
2 non-polymer 'PROTOPORPHYRIN IX CONTAINING FE'
3 non-polymer 'OXYGEN MOLECULE'
4 water water
#
_entity_poly.entity_id   1
_entity_poly.type   'polypeptide(L)'
_entity_poly.pdbx_seq_one_letter_code
;MNKPQTIYEKLGGENAMKAAVPLFYKKVLADERVKHFFKNTDMDHQTKQQTDFLTMLLGGPNHYKGKNMTEAHKGMNLQN
LHFDAIIENLAATLKELGVTDAVINEAAKVIEHTRKDMLGK
;
_entity_poly.pdbx_strand_id   A,B
#
# COMPACT_ATOMS: atom_id res chain seq x y z
N GLN A 5 26.20 19.78 -9.20
CA GLN A 5 25.12 19.24 -10.11
C GLN A 5 24.26 18.51 -8.97
N THR A 6 23.06 18.96 -8.81
CA THR A 6 22.23 18.30 -7.81
C THR A 6 21.36 17.31 -8.63
N ILE A 7 20.72 16.37 -7.95
CA ILE A 7 19.81 15.45 -8.64
C ILE A 7 18.67 16.24 -9.32
N TYR A 8 18.18 17.28 -8.63
CA TYR A 8 17.18 18.18 -9.24
C TYR A 8 17.67 18.73 -10.60
N GLU A 9 18.93 19.19 -10.67
CA GLU A 9 19.40 19.72 -11.98
C GLU A 9 19.52 18.56 -12.98
N LYS A 10 19.96 17.39 -12.49
CA LYS A 10 20.17 16.25 -13.41
C LYS A 10 18.82 15.83 -14.00
N LEU A 11 17.77 15.94 -13.20
CA LEU A 11 16.40 15.60 -13.69
C LEU A 11 15.85 16.55 -14.71
N GLY A 12 16.42 17.75 -14.80
CA GLY A 12 15.90 18.82 -15.63
C GLY A 12 15.38 20.07 -14.92
N GLY A 13 15.59 20.18 -13.62
CA GLY A 13 15.25 21.42 -13.00
C GLY A 13 13.74 21.67 -12.81
N GLU A 14 13.38 22.94 -12.73
CA GLU A 14 12.01 23.28 -12.37
C GLU A 14 11.00 22.75 -13.41
N ASN A 15 11.31 22.94 -14.70
CA ASN A 15 10.22 22.54 -15.64
C ASN A 15 10.03 21.07 -15.64
N ALA A 16 11.10 20.32 -15.35
CA ALA A 16 10.96 18.85 -15.29
C ALA A 16 10.19 18.43 -14.03
N MET A 17 10.41 19.11 -12.91
CA MET A 17 9.74 18.72 -11.67
C MET A 17 8.22 19.06 -11.81
N LYS A 18 7.92 20.21 -12.40
CA LYS A 18 6.51 20.59 -12.64
C LYS A 18 5.77 19.64 -13.55
N ALA A 19 6.47 19.02 -14.50
CA ALA A 19 5.86 17.94 -15.32
C ALA A 19 5.79 16.60 -14.55
N ALA A 20 6.82 16.33 -13.76
CA ALA A 20 6.87 15.01 -13.10
C ALA A 20 5.82 14.83 -12.03
N VAL A 21 5.58 15.88 -11.23
CA VAL A 21 4.64 15.62 -10.10
C VAL A 21 3.20 15.28 -10.55
N PRO A 22 2.64 16.03 -11.54
CA PRO A 22 1.26 15.60 -11.99
C PRO A 22 1.26 14.25 -12.71
N LEU A 23 2.35 13.90 -13.40
CA LEU A 23 2.37 12.61 -14.05
C LEU A 23 2.46 11.52 -12.96
N PHE A 24 3.27 11.78 -11.95
CA PHE A 24 3.34 10.85 -10.81
C PHE A 24 1.95 10.72 -10.18
N TYR A 25 1.23 11.82 -9.94
CA TYR A 25 -0.13 11.59 -9.36
C TYR A 25 -1.06 10.89 -10.37
N LYS A 26 -0.95 11.13 -11.69
CA LYS A 26 -1.82 10.36 -12.60
C LYS A 26 -1.58 8.84 -12.38
N LYS A 27 -0.32 8.48 -12.18
CA LYS A 27 -0.03 7.03 -12.00
C LYS A 27 -0.48 6.58 -10.61
N VAL A 28 -0.19 7.38 -9.59
CA VAL A 28 -0.63 6.95 -8.20
C VAL A 28 -2.15 6.81 -8.15
N LEU A 29 -2.88 7.77 -8.77
CA LEU A 29 -4.36 7.73 -8.74
C LEU A 29 -4.96 6.63 -9.58
N ALA A 30 -4.13 5.90 -10.35
CA ALA A 30 -4.58 4.69 -11.11
C ALA A 30 -4.07 3.38 -10.44
N ASP A 31 -3.34 3.53 -9.35
CA ASP A 31 -2.70 2.36 -8.71
C ASP A 31 -3.55 1.80 -7.54
N GLU A 32 -4.03 0.58 -7.71
CA GLU A 32 -4.96 0.01 -6.71
C GLU A 32 -4.36 -0.02 -5.32
N ARG A 33 -3.01 -0.04 -5.25
CA ARG A 33 -2.47 -0.19 -3.89
C ARG A 33 -2.63 1.12 -3.12
N VAL A 34 -2.70 2.26 -3.83
CA VAL A 34 -2.62 3.50 -3.13
C VAL A 34 -3.65 4.63 -3.47
N LYS A 35 -4.37 4.48 -4.56
CA LYS A 35 -5.12 5.64 -5.07
C LYS A 35 -6.13 6.12 -4.02
N HIS A 36 -6.67 5.14 -3.27
CA HIS A 36 -7.77 5.53 -2.37
C HIS A 36 -7.35 6.43 -1.21
N PHE A 37 -6.06 6.44 -0.85
CA PHE A 37 -5.59 7.30 0.23
C PHE A 37 -5.86 8.78 -0.06
N PHE A 38 -5.96 9.08 -1.36
CA PHE A 38 -6.15 10.44 -1.81
C PHE A 38 -7.57 10.83 -2.07
N LYS A 39 -8.53 9.97 -1.70
CA LYS A 39 -9.96 10.25 -1.98
C LYS A 39 -10.41 11.65 -1.54
N ASN A 40 -10.02 12.07 -0.34
CA ASN A 40 -10.50 13.39 0.20
C ASN A 40 -9.45 14.51 0.10
N THR A 41 -8.45 14.32 -0.73
CA THR A 41 -7.32 15.22 -0.80
C THR A 41 -7.49 16.23 -1.94
N ASP A 42 -7.19 17.51 -1.62
CA ASP A 42 -7.22 18.58 -2.61
C ASP A 42 -5.97 18.34 -3.47
N MET A 43 -6.14 17.86 -4.72
CA MET A 43 -4.96 17.43 -5.49
C MET A 43 -4.14 18.61 -6.03
N ASP A 44 -4.79 19.75 -6.20
CA ASP A 44 -3.98 20.97 -6.52
C ASP A 44 -3.02 21.33 -5.37
N HIS A 45 -3.56 21.34 -4.14
CA HIS A 45 -2.71 21.56 -3.00
C HIS A 45 -1.63 20.56 -2.87
N GLN A 46 -2.01 19.29 -2.92
CA GLN A 46 -1.05 18.21 -2.79
C GLN A 46 0.06 18.27 -3.87
N THR A 47 -0.34 18.60 -5.11
CA THR A 47 0.68 18.66 -6.20
C THR A 47 1.69 19.80 -5.85
N LYS A 48 1.16 20.89 -5.34
CA LYS A 48 2.08 21.99 -4.97
C LYS A 48 3.02 21.61 -3.79
N GLN A 49 2.48 21.03 -2.72
CA GLN A 49 3.34 20.61 -1.61
C GLN A 49 4.37 19.60 -2.05
N GLN A 50 3.94 18.60 -2.82
CA GLN A 50 4.88 17.54 -3.22
C GLN A 50 5.93 18.08 -4.20
N THR A 51 5.53 19.00 -5.08
CA THR A 51 6.55 19.70 -5.92
C THR A 51 7.56 20.39 -5.00
N ASP A 52 7.08 21.18 -4.06
CA ASP A 52 8.07 21.89 -3.14
C ASP A 52 8.90 20.88 -2.37
N PHE A 53 8.27 19.79 -1.92
CA PHE A 53 9.01 18.87 -1.07
C PHE A 53 10.08 18.13 -1.85
N LEU A 54 9.74 17.57 -3.02
CA LEU A 54 10.76 16.85 -3.79
C LEU A 54 11.81 17.81 -4.32
N THR A 55 11.42 19.04 -4.68
CA THR A 55 12.42 20.03 -5.15
C THR A 55 13.42 20.23 -4.05
N MET A 56 12.91 20.43 -2.82
CA MET A 56 13.86 20.67 -1.70
C MET A 56 14.71 19.39 -1.50
N LEU A 57 14.11 18.22 -1.50
CA LEU A 57 14.86 16.99 -1.08
C LEU A 57 15.99 16.68 -2.08
N LEU A 58 15.65 16.96 -3.37
CA LEU A 58 16.58 16.65 -4.45
C LEU A 58 17.54 17.77 -4.80
N GLY A 59 17.64 18.84 -3.95
CA GLY A 59 18.76 19.76 -4.06
C GLY A 59 18.41 21.00 -4.83
N GLY A 60 17.11 21.16 -5.17
CA GLY A 60 16.65 22.43 -5.77
C GLY A 60 16.37 23.49 -4.68
N PRO A 61 15.73 24.62 -5.06
CA PRO A 61 15.43 25.63 -4.05
C PRO A 61 14.57 25.05 -2.89
N ASN A 62 14.75 25.61 -1.71
CA ASN A 62 14.05 25.06 -0.54
C ASN A 62 12.95 26.03 -0.18
N HIS A 63 11.75 25.75 -0.66
CA HIS A 63 10.56 26.57 -0.34
C HIS A 63 9.45 25.66 0.27
N TYR A 64 9.88 24.53 0.84
CA TYR A 64 8.89 23.55 1.36
C TYR A 64 8.48 24.02 2.74
N LYS A 65 7.18 24.36 2.91
CA LYS A 65 6.66 24.86 4.19
C LYS A 65 5.64 23.89 4.81
N GLY A 66 5.60 22.70 4.26
CA GLY A 66 4.61 21.72 4.77
C GLY A 66 5.00 20.90 6.01
N LYS A 67 4.18 19.89 6.29
CA LYS A 67 4.33 19.09 7.41
C LYS A 67 5.57 18.16 7.25
N ASN A 68 6.10 17.70 8.35
CA ASN A 68 7.17 16.66 8.25
C ASN A 68 6.50 15.33 7.85
N MET A 69 7.31 14.30 7.57
CA MET A 69 6.75 13.11 6.98
C MET A 69 5.97 12.29 7.98
N THR A 70 6.23 12.47 9.29
CA THR A 70 5.43 11.72 10.24
C THR A 70 4.04 12.41 10.32
N GLU A 71 4.08 13.74 10.52
CA GLU A 71 2.80 14.50 10.68
C GLU A 71 1.97 14.33 9.43
N ALA A 72 2.60 14.44 8.25
CA ALA A 72 1.86 14.33 6.93
C ALA A 72 1.00 13.02 6.82
N HIS A 73 1.49 11.93 7.40
CA HIS A 73 0.88 10.62 7.20
C HIS A 73 0.33 10.06 8.53
N LYS A 74 0.17 10.94 9.50
CA LYS A 74 -0.25 10.58 10.83
C LYS A 74 -1.69 9.96 10.74
N GLY A 75 -1.92 8.85 11.42
CA GLY A 75 -3.23 8.24 11.41
C GLY A 75 -3.50 7.28 10.25
N MET A 76 -2.61 7.23 9.26
CA MET A 76 -2.83 6.44 8.08
C MET A 76 -2.32 4.99 8.28
N ASN A 77 -1.43 4.81 9.26
CA ASN A 77 -0.85 3.47 9.51
C ASN A 77 -0.37 2.82 8.19
N LEU A 78 0.39 3.57 7.43
CA LEU A 78 0.87 3.14 6.15
C LEU A 78 1.77 1.91 6.32
N GLN A 79 1.71 1.05 5.31
CA GLN A 79 2.43 -0.24 5.30
C GLN A 79 3.55 -0.20 4.24
N ASN A 80 4.50 -1.11 4.39
CA ASN A 80 5.56 -1.15 3.40
C ASN A 80 5.09 -1.22 1.98
N LEU A 81 4.04 -1.99 1.70
CA LEU A 81 3.67 -2.07 0.27
C LEU A 81 3.20 -0.72 -0.30
N HIS A 82 2.70 0.15 0.56
CA HIS A 82 2.23 1.46 0.07
C HIS A 82 3.45 2.33 -0.31
N PHE A 83 4.51 2.27 0.50
CA PHE A 83 5.67 3.08 0.18
C PHE A 83 6.36 2.52 -1.09
N ASP A 84 6.48 1.19 -1.22
CA ASP A 84 7.01 0.65 -2.46
C ASP A 84 6.22 1.09 -3.70
N ALA A 85 4.90 1.19 -3.54
CA ALA A 85 4.08 1.63 -4.68
C ALA A 85 4.42 3.07 -5.05
N ILE A 86 4.51 3.90 -4.03
CA ILE A 86 4.89 5.32 -4.33
C ILE A 86 6.24 5.40 -5.06
N ILE A 87 7.26 4.76 -4.53
CA ILE A 87 8.60 4.80 -5.19
C ILE A 87 8.52 4.24 -6.61
N GLU A 88 7.80 3.13 -6.78
CA GLU A 88 7.67 2.56 -8.15
C GLU A 88 6.99 3.56 -9.12
N ASN A 89 5.95 4.23 -8.63
CA ASN A 89 5.29 5.20 -9.53
C ASN A 89 6.15 6.39 -9.83
N LEU A 90 6.93 6.84 -8.86
CA LEU A 90 7.83 7.98 -9.13
C LEU A 90 8.92 7.54 -10.11
N ALA A 91 9.51 6.34 -9.88
CA ALA A 91 10.54 5.85 -10.83
C ALA A 91 9.95 5.71 -12.25
N ALA A 92 8.72 5.18 -12.38
CA ALA A 92 8.09 4.98 -13.71
C ALA A 92 7.85 6.39 -14.36
N THR A 93 7.49 7.37 -13.53
CA THR A 93 7.23 8.75 -14.03
C THR A 93 8.53 9.33 -14.65
N LEU A 94 9.60 9.25 -13.84
CA LEU A 94 10.88 9.81 -14.31
C LEU A 94 11.36 9.06 -15.55
N LYS A 95 11.14 7.72 -15.59
CA LYS A 95 11.58 6.93 -16.78
C LYS A 95 10.81 7.44 -18.01
N GLU A 96 9.49 7.57 -17.85
CA GLU A 96 8.59 7.99 -18.96
C GLU A 96 8.97 9.38 -19.44
N LEU A 97 9.50 10.22 -18.55
CA LEU A 97 9.98 11.57 -18.90
C LEU A 97 11.40 11.58 -19.47
N GLY A 98 12.04 10.40 -19.57
CA GLY A 98 13.37 10.31 -20.23
C GLY A 98 14.57 10.41 -19.31
N VAL A 99 14.36 10.40 -17.98
CA VAL A 99 15.50 10.41 -17.01
C VAL A 99 16.22 9.04 -17.05
N THR A 100 17.56 9.03 -16.96
CA THR A 100 18.35 7.78 -17.04
C THR A 100 18.15 6.92 -15.76
N ASP A 101 18.40 5.58 -15.85
CA ASP A 101 18.23 4.74 -14.62
C ASP A 101 19.15 5.24 -13.46
N ALA A 102 20.33 5.75 -13.84
CA ALA A 102 21.32 6.16 -12.81
C ALA A 102 20.82 7.33 -11.97
N VAL A 103 20.18 8.31 -12.63
CA VAL A 103 19.61 9.46 -11.93
C VAL A 103 18.35 9.06 -11.14
N ILE A 104 17.51 8.21 -11.72
CA ILE A 104 16.33 7.76 -10.97
C ILE A 104 16.80 7.06 -9.70
N ASN A 105 17.87 6.27 -9.83
CA ASN A 105 18.29 5.51 -8.67
C ASN A 105 18.83 6.46 -7.55
N GLU A 106 19.55 7.50 -7.97
CA GLU A 106 20.01 8.51 -7.00
C GLU A 106 18.82 9.18 -6.29
N ALA A 107 17.79 9.54 -7.05
CA ALA A 107 16.67 10.20 -6.46
C ALA A 107 15.98 9.22 -5.48
N ALA A 108 15.77 7.97 -5.90
CA ALA A 108 15.06 7.01 -5.05
C ALA A 108 15.87 6.82 -3.78
N LYS A 109 17.17 6.77 -3.90
CA LYS A 109 18.02 6.52 -2.66
C LYS A 109 17.83 7.65 -1.62
N VAL A 110 17.65 8.90 -2.08
CA VAL A 110 17.41 10.01 -1.12
C VAL A 110 15.99 9.83 -0.51
N ILE A 111 15.02 9.65 -1.40
CA ILE A 111 13.59 9.56 -0.91
C ILE A 111 13.40 8.36 0.00
N GLU A 112 14.16 7.28 -0.23
CA GLU A 112 13.92 6.04 0.55
C GLU A 112 14.16 6.32 2.09
N HIS A 113 15.05 7.28 2.44
CA HIS A 113 15.32 7.55 3.86
C HIS A 113 14.03 8.02 4.59
N THR A 114 13.01 8.43 3.84
CA THR A 114 11.77 8.90 4.56
C THR A 114 10.89 7.75 4.98
N ARG A 115 11.19 6.52 4.51
CA ARG A 115 10.23 5.43 4.75
C ARG A 115 9.93 5.28 6.28
N LYS A 116 10.98 5.26 7.11
CA LYS A 116 10.72 4.98 8.53
C LYS A 116 9.93 6.14 9.19
N ASP A 117 10.00 7.33 8.59
CA ASP A 117 9.27 8.51 9.19
C ASP A 117 7.74 8.39 8.98
N MET A 118 7.32 7.65 7.94
CA MET A 118 5.86 7.69 7.62
C MET A 118 5.18 6.36 7.82
N LEU A 119 5.94 5.24 7.87
CA LEU A 119 5.18 3.97 8.04
C LEU A 119 4.62 3.82 9.49
N GLY A 120 3.40 3.29 9.56
CA GLY A 120 2.88 2.88 10.84
C GLY A 120 2.58 4.02 11.76
N LYS A 121 2.26 5.18 11.18
CA LYS A 121 1.97 6.40 11.95
C LYS A 121 0.45 6.70 12.09
N GLN B 5 -13.37 4.05 -8.84
CA GLN B 5 -14.05 2.88 -8.20
C GLN B 5 -13.12 1.83 -7.50
N THR B 6 -13.43 1.34 -6.32
CA THR B 6 -12.35 0.67 -5.62
C THR B 6 -12.63 -0.81 -5.63
N ILE B 7 -11.62 -1.64 -5.39
CA ILE B 7 -11.94 -3.06 -5.24
C ILE B 7 -12.92 -3.42 -4.10
N TYR B 8 -12.82 -2.73 -2.98
CA TYR B 8 -13.70 -2.88 -1.84
C TYR B 8 -15.16 -2.58 -2.31
N GLU B 9 -15.34 -1.49 -3.05
CA GLU B 9 -16.74 -1.18 -3.58
C GLU B 9 -17.16 -2.31 -4.49
N LYS B 10 -16.29 -2.72 -5.42
CA LYS B 10 -16.60 -3.84 -6.28
C LYS B 10 -16.98 -5.13 -5.63
N LEU B 11 -16.38 -5.50 -4.47
CA LEU B 11 -16.76 -6.67 -3.66
C LEU B 11 -18.09 -6.64 -3.00
N GLY B 12 -18.68 -5.46 -2.93
CA GLY B 12 -19.90 -5.25 -2.20
C GLY B 12 -19.72 -4.42 -0.93
N GLY B 13 -18.51 -3.81 -0.72
CA GLY B 13 -18.42 -2.76 0.34
C GLY B 13 -18.41 -3.43 1.73
N GLU B 14 -18.77 -2.64 2.73
CA GLU B 14 -18.77 -2.99 4.17
C GLU B 14 -19.51 -4.29 4.55
N ASN B 15 -20.73 -4.43 4.05
CA ASN B 15 -21.49 -5.59 4.40
C ASN B 15 -20.88 -6.82 3.83
N ALA B 16 -20.37 -6.74 2.59
CA ALA B 16 -19.63 -7.90 2.04
C ALA B 16 -18.35 -8.23 2.85
N MET B 17 -17.60 -7.20 3.22
CA MET B 17 -16.34 -7.49 3.94
C MET B 17 -16.63 -8.09 5.32
N LYS B 18 -17.65 -7.57 6.03
CA LYS B 18 -17.94 -8.11 7.38
C LYS B 18 -18.46 -9.54 7.35
N ALA B 19 -19.10 -9.92 6.22
CA ALA B 19 -19.50 -11.35 6.01
C ALA B 19 -18.25 -12.12 5.66
N ALA B 20 -17.47 -11.61 4.69
CA ALA B 20 -16.29 -12.41 4.26
C ALA B 20 -15.27 -12.77 5.32
N VAL B 21 -14.84 -11.87 6.17
CA VAL B 21 -13.72 -12.25 7.03
C VAL B 21 -14.09 -13.47 7.91
N PRO B 22 -15.30 -13.48 8.55
CA PRO B 22 -15.64 -14.70 9.33
C PRO B 22 -15.82 -15.98 8.53
N LEU B 23 -16.38 -15.88 7.31
CA LEU B 23 -16.60 -17.07 6.44
C LEU B 23 -15.16 -17.55 6.01
N PHE B 24 -14.31 -16.56 5.76
CA PHE B 24 -12.86 -16.86 5.44
C PHE B 24 -12.20 -17.60 6.59
N TYR B 25 -12.35 -17.07 7.79
CA TYR B 25 -11.81 -17.80 8.91
C TYR B 25 -12.41 -19.19 9.16
N LYS B 26 -13.68 -19.39 8.86
CA LYS B 26 -14.27 -20.74 8.96
C LYS B 26 -13.48 -21.71 8.00
N LYS B 27 -13.15 -21.28 6.77
CA LYS B 27 -12.33 -22.17 5.89
C LYS B 27 -10.86 -22.31 6.36
N VAL B 28 -10.26 -21.21 6.82
CA VAL B 28 -8.82 -21.22 7.26
C VAL B 28 -8.74 -22.19 8.43
N LEU B 29 -9.77 -22.21 9.29
CA LEU B 29 -9.66 -22.99 10.51
C LEU B 29 -9.97 -24.46 10.22
N ALA B 30 -10.39 -24.77 8.99
CA ALA B 30 -10.59 -26.16 8.58
C ALA B 30 -9.52 -26.63 7.57
N ASP B 31 -8.55 -25.78 7.28
CA ASP B 31 -7.53 -26.06 6.23
C ASP B 31 -6.30 -26.65 6.94
N GLU B 32 -5.93 -27.90 6.62
CA GLU B 32 -4.76 -28.53 7.31
C GLU B 32 -3.49 -27.76 7.12
N ARG B 33 -3.40 -27.00 6.03
CA ARG B 33 -2.13 -26.29 5.79
C ARG B 33 -1.89 -25.15 6.81
N VAL B 34 -2.96 -24.57 7.40
CA VAL B 34 -2.75 -23.37 8.20
C VAL B 34 -3.53 -23.30 9.49
N LYS B 35 -4.50 -24.19 9.72
CA LYS B 35 -5.42 -23.91 10.83
C LYS B 35 -4.62 -23.84 12.18
N HIS B 36 -3.57 -24.64 12.28
CA HIS B 36 -2.89 -24.80 13.58
C HIS B 36 -2.18 -23.48 14.01
N PHE B 37 -1.85 -22.58 13.07
CA PHE B 37 -1.21 -21.35 13.45
C PHE B 37 -2.10 -20.47 14.35
N PHE B 38 -3.42 -20.70 14.30
CA PHE B 38 -4.38 -19.91 15.03
C PHE B 38 -4.82 -20.57 16.34
N LYS B 39 -4.13 -21.67 16.72
CA LYS B 39 -4.52 -22.44 17.87
C LYS B 39 -4.70 -21.52 19.09
N ASN B 40 -3.79 -20.55 19.27
CA ASN B 40 -3.84 -19.74 20.49
C ASN B 40 -4.32 -18.32 20.26
N THR B 41 -4.88 -18.07 19.10
CA THR B 41 -5.31 -16.70 18.73
C THR B 41 -6.73 -16.46 19.21
N ASP B 42 -7.00 -15.23 19.69
CA ASP B 42 -8.35 -14.80 20.00
C ASP B 42 -8.99 -14.48 18.62
N MET B 43 -9.88 -15.33 18.17
CA MET B 43 -10.39 -15.23 16.81
C MET B 43 -11.40 -14.05 16.69
N ASP B 44 -12.00 -13.58 17.79
CA ASP B 44 -12.82 -12.37 17.72
C ASP B 44 -11.97 -11.15 17.38
N HIS B 45 -10.87 -11.03 18.11
CA HIS B 45 -9.91 -9.96 17.84
C HIS B 45 -9.31 -10.09 16.43
N GLN B 46 -8.88 -11.29 16.06
CA GLN B 46 -8.23 -11.51 14.77
C GLN B 46 -9.25 -11.17 13.66
N THR B 47 -10.50 -11.57 13.85
CA THR B 47 -11.48 -11.21 12.85
C THR B 47 -11.68 -9.69 12.73
N LYS B 48 -11.75 -8.95 13.83
CA LYS B 48 -11.90 -7.55 13.71
C LYS B 48 -10.68 -6.95 12.95
N GLN B 49 -9.48 -7.35 13.36
CA GLN B 49 -8.22 -6.80 12.78
C GLN B 49 -8.14 -7.05 11.28
N GLN B 50 -8.45 -8.29 10.86
CA GLN B 50 -8.36 -8.65 9.44
C GLN B 50 -9.45 -7.89 8.67
N THR B 51 -10.66 -7.77 9.22
CA THR B 51 -11.61 -6.90 8.55
C THR B 51 -11.07 -5.48 8.38
N ASP B 52 -10.44 -4.90 9.40
CA ASP B 52 -10.02 -3.50 9.26
C ASP B 52 -8.83 -3.49 8.26
N PHE B 53 -7.99 -4.53 8.31
CA PHE B 53 -6.79 -4.51 7.41
C PHE B 53 -7.21 -4.65 5.96
N LEU B 54 -8.01 -5.72 5.68
CA LEU B 54 -8.45 -5.90 4.31
C LEU B 54 -9.31 -4.74 3.81
N THR B 55 -10.20 -4.20 4.66
CA THR B 55 -10.97 -3.02 4.25
C THR B 55 -10.04 -1.87 3.82
N MET B 56 -8.99 -1.63 4.60
CA MET B 56 -8.07 -0.54 4.26
C MET B 56 -7.33 -0.88 2.94
N LEU B 57 -6.85 -2.13 2.84
CA LEU B 57 -5.92 -2.47 1.73
C LEU B 57 -6.66 -2.37 0.37
N LEU B 58 -7.97 -2.74 0.39
CA LEU B 58 -8.78 -2.77 -0.83
C LEU B 58 -9.52 -1.53 -1.13
N GLY B 59 -9.24 -0.43 -0.41
CA GLY B 59 -9.72 0.82 -0.79
C GLY B 59 -10.96 1.31 -0.04
N GLY B 60 -11.37 0.56 1.01
CA GLY B 60 -12.39 1.05 1.91
C GLY B 60 -11.87 2.07 2.89
N PRO B 61 -12.65 2.36 3.93
CA PRO B 61 -12.23 3.32 4.93
C PRO B 61 -10.98 2.71 5.68
N ASN B 62 -10.09 3.58 6.13
CA ASN B 62 -8.85 3.12 6.78
C ASN B 62 -8.96 3.32 8.32
N HIS B 63 -9.30 2.28 9.04
CA HIS B 63 -9.34 2.35 10.48
C HIS B 63 -8.44 1.22 10.99
N TYR B 64 -7.47 0.77 10.19
CA TYR B 64 -6.58 -0.27 10.66
C TYR B 64 -5.53 0.25 11.61
N LYS B 65 -5.52 -0.31 12.82
CA LYS B 65 -4.66 0.19 13.89
C LYS B 65 -3.70 -0.89 14.36
N GLY B 66 -3.61 -2.00 13.68
CA GLY B 66 -2.74 -3.03 14.22
C GLY B 66 -1.31 -3.05 13.68
N LYS B 67 -0.66 -4.19 13.87
CA LYS B 67 0.73 -4.34 13.54
C LYS B 67 0.98 -4.40 12.01
N ASN B 68 2.20 -4.08 11.63
CA ASN B 68 2.59 -4.25 10.23
C ASN B 68 2.76 -5.75 9.95
N MET B 69 2.88 -6.09 8.67
CA MET B 69 2.72 -7.51 8.36
C MET B 69 3.99 -8.30 8.77
N THR B 70 5.13 -7.64 8.97
CA THR B 70 6.31 -8.33 9.49
C THR B 70 6.12 -8.61 11.01
N GLU B 71 5.75 -7.57 11.74
CA GLU B 71 5.53 -7.68 13.21
C GLU B 71 4.40 -8.70 13.48
N ALA B 72 3.34 -8.65 12.69
CA ALA B 72 2.19 -9.55 12.93
C ALA B 72 2.59 -11.01 12.86
N HIS B 73 3.55 -11.35 12.00
CA HIS B 73 3.90 -12.77 11.74
C HIS B 73 5.31 -13.13 12.22
N LYS B 74 5.87 -12.25 13.03
CA LYS B 74 7.24 -12.44 13.59
C LYS B 74 7.34 -13.73 14.34
N GLY B 75 8.45 -14.46 14.15
CA GLY B 75 8.62 -15.70 14.89
C GLY B 75 7.89 -16.89 14.27
N MET B 76 7.04 -16.68 13.28
CA MET B 76 6.30 -17.82 12.68
C MET B 76 7.07 -18.53 11.56
N ASN B 77 8.04 -17.85 10.94
CA ASN B 77 8.79 -18.42 9.82
C ASN B 77 7.80 -19.01 8.78
N LEU B 78 6.80 -18.22 8.40
CA LEU B 78 5.79 -18.64 7.43
C LEU B 78 6.43 -18.97 6.11
N GLN B 79 5.82 -19.95 5.42
CA GLN B 79 6.36 -20.46 4.14
C GLN B 79 5.38 -20.09 3.00
N ASN B 80 5.87 -20.19 1.77
CA ASN B 80 4.99 -19.84 0.68
C ASN B 80 3.72 -20.65 0.65
N LEU B 81 3.80 -21.95 0.96
CA LEU B 81 2.50 -22.68 0.89
C LEU B 81 1.49 -22.12 1.85
N HIS B 82 1.91 -21.55 2.99
CA HIS B 82 0.92 -20.97 3.92
C HIS B 82 0.21 -19.77 3.32
N PHE B 83 1.04 -18.90 2.68
CA PHE B 83 0.44 -17.73 2.12
C PHE B 83 -0.53 -18.13 0.96
N ASP B 84 -0.11 -19.11 0.12
CA ASP B 84 -1.00 -19.55 -0.98
C ASP B 84 -2.34 -20.08 -0.36
N ALA B 85 -2.22 -20.79 0.73
CA ALA B 85 -3.49 -21.30 1.35
C ALA B 85 -4.38 -20.14 1.81
N ILE B 86 -3.81 -19.11 2.42
CA ILE B 86 -4.66 -17.95 2.85
C ILE B 86 -5.33 -17.34 1.62
N ILE B 87 -4.55 -17.08 0.57
CA ILE B 87 -5.21 -16.44 -0.62
C ILE B 87 -6.28 -17.36 -1.21
N GLU B 88 -6.00 -18.66 -1.34
CA GLU B 88 -7.05 -19.55 -1.88
C GLU B 88 -8.29 -19.57 -1.00
N ASN B 89 -8.16 -19.49 0.33
CA ASN B 89 -9.41 -19.50 1.17
C ASN B 89 -10.18 -18.21 1.06
N LEU B 90 -9.45 -17.11 1.01
CA LEU B 90 -10.08 -15.83 0.75
C LEU B 90 -10.77 -15.82 -0.60
N ALA B 91 -10.11 -16.26 -1.69
CA ALA B 91 -10.74 -16.27 -3.01
C ALA B 91 -12.01 -17.15 -3.02
N ALA B 92 -11.94 -18.32 -2.40
CA ALA B 92 -13.15 -19.18 -2.28
C ALA B 92 -14.32 -18.50 -1.56
N THR B 93 -14.03 -17.75 -0.51
CA THR B 93 -15.03 -17.03 0.28
C THR B 93 -15.68 -15.96 -0.55
N LEU B 94 -14.90 -15.11 -1.18
CA LEU B 94 -15.49 -14.14 -2.13
C LEU B 94 -16.27 -14.79 -3.24
N LYS B 95 -15.78 -15.88 -3.82
CA LYS B 95 -16.55 -16.56 -4.88
C LYS B 95 -17.95 -17.03 -4.34
N GLU B 96 -17.97 -17.57 -3.13
CA GLU B 96 -19.27 -17.95 -2.49
C GLU B 96 -20.19 -16.78 -2.30
N LEU B 97 -19.63 -15.58 -2.12
CA LEU B 97 -20.41 -14.35 -2.02
C LEU B 97 -20.84 -13.82 -3.39
N GLY B 98 -20.56 -14.54 -4.49
CA GLY B 98 -21.00 -14.01 -5.79
C GLY B 98 -20.06 -12.93 -6.32
N VAL B 99 -18.86 -12.72 -5.73
CA VAL B 99 -17.88 -11.80 -6.37
C VAL B 99 -17.35 -12.42 -7.68
N THR B 100 -17.14 -11.59 -8.71
CA THR B 100 -16.60 -12.03 -10.02
C THR B 100 -15.16 -12.58 -9.94
N ASP B 101 -14.75 -13.51 -10.82
CA ASP B 101 -13.29 -13.90 -10.86
C ASP B 101 -12.39 -12.66 -11.06
N ALA B 102 -12.80 -11.75 -11.95
CA ALA B 102 -12.02 -10.53 -12.25
C ALA B 102 -11.74 -9.71 -10.99
N VAL B 103 -12.77 -9.54 -10.14
CA VAL B 103 -12.62 -8.68 -8.97
C VAL B 103 -11.81 -9.44 -7.90
N ILE B 104 -12.10 -10.73 -7.71
CA ILE B 104 -11.24 -11.57 -6.87
C ILE B 104 -9.78 -11.43 -7.29
N ASN B 105 -9.51 -11.52 -8.58
CA ASN B 105 -8.14 -11.41 -9.05
C ASN B 105 -7.47 -10.05 -8.73
N GLU B 106 -8.22 -8.97 -8.83
CA GLU B 106 -7.72 -7.64 -8.48
C GLU B 106 -7.35 -7.59 -7.00
N ALA B 107 -8.21 -8.13 -6.12
CA ALA B 107 -7.98 -8.18 -4.70
C ALA B 107 -6.72 -8.99 -4.43
N ALA B 108 -6.64 -10.20 -5.00
CA ALA B 108 -5.46 -11.05 -4.79
C ALA B 108 -4.15 -10.33 -5.22
N LYS B 109 -4.20 -9.57 -6.33
CA LYS B 109 -2.98 -8.90 -6.83
C LYS B 109 -2.51 -7.83 -5.82
N VAL B 110 -3.47 -7.22 -5.11
CA VAL B 110 -3.10 -6.18 -4.15
C VAL B 110 -2.49 -6.93 -2.95
N ILE B 111 -3.18 -7.94 -2.50
CA ILE B 111 -2.83 -8.62 -1.25
C ILE B 111 -1.46 -9.31 -1.44
N GLU B 112 -1.16 -9.74 -2.65
CA GLU B 112 0.07 -10.49 -2.97
C GLU B 112 1.35 -9.65 -2.59
N HIS B 113 1.21 -8.32 -2.60
CA HIS B 113 2.37 -7.50 -2.33
C HIS B 113 2.79 -7.59 -0.85
N THR B 114 1.94 -8.11 0.01
CA THR B 114 2.28 -8.35 1.45
C THR B 114 3.16 -9.60 1.64
N ARG B 115 3.33 -10.43 0.60
CA ARG B 115 3.89 -11.81 0.82
C ARG B 115 5.34 -11.62 1.40
N LYS B 116 6.10 -10.76 0.73
CA LYS B 116 7.54 -10.65 1.10
C LYS B 116 7.66 -10.09 2.56
N ASP B 117 6.67 -9.35 3.02
CA ASP B 117 6.75 -8.72 4.35
C ASP B 117 6.51 -9.73 5.47
N MET B 118 5.87 -10.85 5.13
CA MET B 118 5.41 -11.81 6.24
C MET B 118 6.10 -13.17 6.13
N LEU B 119 6.66 -13.54 4.98
CA LEU B 119 7.24 -14.88 4.94
C LEU B 119 8.63 -14.89 5.62
N GLY B 120 8.92 -15.99 6.32
CA GLY B 120 10.30 -16.17 6.83
C GLY B 120 10.66 -15.25 7.97
N LYS B 121 9.67 -14.73 8.69
CA LYS B 121 9.94 -13.76 9.77
C LYS B 121 9.95 -14.36 11.24
#